data_8ZQS
#
_entry.id   8ZQS
#
loop_
_entity.id
_entity.type
_entity.pdbx_description
1 polymer Cas12X
2 polymer 'RNA (60-MER)'
3 polymer 'DNA (44-MER)'
4 polymer 'DNA (44-MER)'
#
loop_
_entity_poly.entity_id
_entity_poly.type
_entity_poly.pdbx_seq_one_letter_code
_entity_poly.pdbx_strand_id
1 'polypeptide(L)'
;HHHHHHMPSYKSSRVLVRDVPEELVDHYERSHRVAAFFMRLLLAMRREPYSLRMRDGTEREVDLDETDDFLRSAGCEEPD
AVSDDLRSFALAVLHQDNPKKRAFLESENCVSILCLEKSASGTRYYKRPGYQLLKKAIEEEWGWDKFEASLLDERTGEVA
EKFAALSMEDWRRFFAARDPDDLGRELLKTDTREGMAAALRLRERGVFPVSVPEHLDLDSLKAAMASAAERLKSWLACNQ
RAVDEKSELRKRFEEALDGVDPEKYALFEKFAAELQQADYNVTKKLVLAVSAKFPATEPSEFKRGVEILKEDGYKPLWED
FRELGFVYLAERKWERRRGGAAVTLCDADDSPIKVRFGLTGRGRKFVLSAAGSRFLITVKLPCGDVGLTAVPSRYFWNPS
VGRTTSNSFRIEFTKRTTENRRYVGEVKEIGLVRQRGRYYFFIDYNFDPEEVSDETKVGRAFFRAPLNESRPKPKDKLTV
MGIDLGINPAFAFAVCTLGECQDGIRSPVAKMEDVSFDSTGLRGGIGSQKLHREMHNLSDRCFYGARYIRLSKKLRDRGA
LNDIEARLLEEKYIPGFRIVHIEDADERRRTVGRTVKEIKQEYKRIRHQFYLRYHTSKRDRTELISAEYFRMLFLVKNLR
NLLKSWNRYHWTTGDRERRGGNPDELKSYVRYYNNLRMDTLKKLTCAIVRTAKEHGATLVAMENIQRVDRDDEVKRRKEN
SLLSLWAPGMVLERVEQELKNEGILAWEVDPRHTSQTSCITDEFGYRSLVAKDTFYFEQDRKIHRIDADVNAAINIARRF
LTRYRSLTQLWASLLDDGRYLVNVTRQHERAYLELQTGAPAATLNPTAEASYELVGLSPEEEELAQTRIKRKKREPFYRH
EGVWLTREKHREQVHELRNQVLALGNAKIPEIRT
;
A
2 'polyribonucleotide' GUGCUGCUGUCUCCCAGACGGGAGGCAGAACUGCACCUUCCAUCAGAGAACCUCACUGCG B
3 'polydeoxyribonucleotide'
;(DC)(DA)(DA)(DG)(DC)(DC)(DG)(DT)(DC)(DT)(DA)(DG)(DC)(DG)(DG)(DT)(DG)(DA)(DG)(DG)
(DT)(DT)(DC)(DT)(DC)(DT)(DG)(DA)(DT)(DG)(DG)(DA)(DA)(DG)(DC)(DA)(DT)(DA)(DT)(DC)
(DG)(DT)(DA)(DG)
;
C
4 'polydeoxyribonucleotide'
;(DC)(DT)(DA)(DC)(DG)(DA)(DT)(DA)(DT)(DG)(DC)(DT)(DT)(DC)(DC)(DA)(DT)(DC)(DA)(DG)
(DA)(DG)(DA)(DA)(DC)(DC)(DT)(DC)(DA)(DC)(DC)(DG)(DC)(DT)(DA)(DG)(DA)(DC)(DG)(DG)
(DC)(DT)(DT)(DG)
;
D
#
# COMPACT_ATOMS: atom_id res chain seq x y z
N PRO A 8 -9.59 -21.21 -7.07
CA PRO A 8 -8.54 -20.99 -8.07
C PRO A 8 -7.95 -19.59 -8.01
N SER A 9 -7.04 -19.30 -8.92
CA SER A 9 -6.40 -17.97 -9.02
C SER A 9 -6.89 -17.32 -10.30
N TYR A 10 -7.46 -16.12 -10.15
CA TYR A 10 -8.04 -15.44 -11.30
C TYR A 10 -7.52 -14.05 -11.58
N LYS A 11 -7.52 -13.67 -12.84
CA LYS A 11 -7.14 -12.32 -13.23
C LYS A 11 -8.11 -11.85 -14.30
N SER A 12 -8.39 -10.55 -14.31
CA SER A 12 -9.45 -10.00 -15.14
C SER A 12 -8.96 -8.78 -15.92
N SER A 13 -9.58 -8.56 -17.06
CA SER A 13 -9.42 -7.36 -17.85
C SER A 13 -10.58 -7.30 -18.84
N ARG A 14 -10.86 -6.10 -19.33
CA ARG A 14 -12.01 -5.88 -20.19
C ARG A 14 -11.59 -5.67 -21.64
N VAL A 15 -12.49 -6.04 -22.54
CA VAL A 15 -12.38 -5.70 -23.96
C VAL A 15 -13.68 -5.04 -24.38
N LEU A 16 -13.58 -4.23 -25.42
CA LEU A 16 -14.69 -3.40 -25.88
C LEU A 16 -15.24 -3.96 -27.20
N VAL A 17 -16.56 -4.08 -27.28
CA VAL A 17 -17.24 -4.43 -28.52
C VAL A 17 -18.10 -3.23 -28.93
N ARG A 18 -17.93 -2.77 -30.17
CA ARG A 18 -18.50 -1.51 -30.62
C ARG A 18 -19.85 -1.69 -31.29
N ASP A 19 -19.91 -2.47 -32.37
CA ASP A 19 -21.14 -2.62 -33.15
C ASP A 19 -21.87 -3.89 -32.72
N ARG A 30 -31.57 -6.55 -24.22
CA ARG A 30 -32.41 -7.54 -23.57
C ARG A 30 -31.69 -8.25 -22.42
N SER A 31 -30.39 -8.48 -22.57
CA SER A 31 -29.66 -9.24 -21.55
C SER A 31 -29.60 -8.49 -20.23
N HIS A 32 -29.73 -7.17 -20.27
CA HIS A 32 -29.73 -6.39 -19.05
C HIS A 32 -31.17 -6.25 -18.61
N ARG A 33 -32.04 -5.99 -19.58
CA ARG A 33 -33.44 -5.93 -19.24
C ARG A 33 -33.73 -7.16 -18.41
N VAL A 34 -33.07 -8.27 -18.77
CA VAL A 34 -33.35 -9.51 -18.05
C VAL A 34 -32.46 -9.63 -16.81
N ALA A 35 -31.25 -9.06 -16.84
CA ALA A 35 -30.42 -9.07 -15.65
C ALA A 35 -31.01 -8.21 -14.54
N ALA A 36 -31.51 -7.03 -14.90
CA ALA A 36 -32.19 -6.20 -13.92
C ALA A 36 -33.42 -6.92 -13.37
N PHE A 37 -34.17 -7.60 -14.25
CA PHE A 37 -35.31 -8.38 -13.81
C PHE A 37 -34.89 -9.47 -12.83
N PHE A 38 -33.78 -10.15 -13.12
CA PHE A 38 -33.31 -11.20 -12.23
C PHE A 38 -32.90 -10.66 -10.88
N MET A 39 -32.18 -9.53 -10.85
CA MET A 39 -31.81 -8.94 -9.58
C MET A 39 -33.04 -8.58 -8.76
N ARG A 40 -34.00 -7.91 -9.40
CA ARG A 40 -35.20 -7.51 -8.67
C ARG A 40 -35.99 -8.73 -8.20
N LEU A 41 -36.06 -9.77 -9.04
CA LEU A 41 -36.80 -10.96 -8.69
C LEU A 41 -36.18 -11.68 -7.49
N LEU A 42 -34.85 -11.79 -7.48
CA LEU A 42 -34.20 -12.44 -6.34
C LEU A 42 -34.34 -11.60 -5.07
N LEU A 43 -34.24 -10.29 -5.18
CA LEU A 43 -34.47 -9.44 -4.01
C LEU A 43 -35.94 -9.46 -3.64
N ALA A 44 -36.80 -9.00 -4.55
CA ALA A 44 -38.23 -8.99 -4.30
C ALA A 44 -38.85 -10.33 -4.64
N GLY A 75 -45.27 -12.74 -12.51
CA GLY A 75 -46.15 -13.88 -12.51
C GLY A 75 -46.69 -14.22 -11.14
N CYS A 76 -46.07 -13.66 -10.09
CA CYS A 76 -46.48 -13.93 -8.71
C CYS A 76 -47.77 -13.17 -8.44
N GLU A 77 -48.90 -13.83 -8.68
CA GLU A 77 -50.20 -13.19 -8.46
C GLU A 77 -50.46 -12.96 -6.97
N GLU A 78 -49.97 -13.84 -6.11
CA GLU A 78 -50.12 -13.72 -4.67
C GLU A 78 -48.75 -13.91 -4.01
N PRO A 79 -47.85 -12.92 -4.15
CA PRO A 79 -46.50 -13.07 -3.60
C PRO A 79 -46.47 -13.29 -2.10
N ASP A 80 -47.39 -12.65 -1.36
CA ASP A 80 -47.40 -12.81 0.09
C ASP A 80 -47.73 -14.25 0.49
N ALA A 81 -48.67 -14.89 -0.22
CA ALA A 81 -49.08 -16.24 0.14
C ALA A 81 -47.96 -17.25 -0.01
N VAL A 82 -46.95 -16.96 -0.83
CA VAL A 82 -45.85 -17.88 -1.06
C VAL A 82 -44.55 -17.17 -0.69
N SER A 83 -44.65 -16.24 0.27
CA SER A 83 -43.51 -15.39 0.60
C SER A 83 -42.35 -16.19 1.19
N ASP A 84 -42.64 -17.17 2.04
CA ASP A 84 -41.58 -17.86 2.75
C ASP A 84 -40.72 -18.68 1.79
N ASP A 85 -41.37 -19.43 0.91
CA ASP A 85 -40.63 -20.23 -0.06
C ASP A 85 -39.82 -19.32 -0.96
N LEU A 86 -40.46 -18.27 -1.46
CA LEU A 86 -39.75 -17.31 -2.31
C LEU A 86 -38.51 -16.79 -1.62
N ARG A 87 -38.63 -16.44 -0.34
CA ARG A 87 -37.49 -15.93 0.40
C ARG A 87 -36.39 -16.99 0.51
N SER A 88 -36.77 -18.24 0.78
CA SER A 88 -35.76 -19.29 0.90
C SER A 88 -35.05 -19.51 -0.43
N PHE A 89 -35.79 -19.54 -1.54
CA PHE A 89 -35.17 -19.71 -2.85
C PHE A 89 -34.24 -18.54 -3.17
N ALA A 90 -34.72 -17.30 -2.98
CA ALA A 90 -33.89 -16.14 -3.29
C ALA A 90 -32.64 -16.13 -2.44
N LEU A 91 -32.75 -16.49 -1.16
CA LEU A 91 -31.59 -16.53 -0.29
C LEU A 91 -30.61 -17.61 -0.74
N ALA A 92 -31.14 -18.75 -1.20
CA ALA A 92 -30.27 -19.83 -1.68
C ALA A 92 -29.50 -19.42 -2.92
N VAL A 93 -30.17 -18.75 -3.86
CA VAL A 93 -29.48 -18.32 -5.08
C VAL A 93 -28.38 -17.33 -4.74
N ALA A 197 -31.79 -27.31 -5.59
CA ALA A 197 -32.84 -27.98 -4.82
C ALA A 197 -34.02 -27.05 -4.58
N ALA A 198 -33.74 -25.79 -4.22
CA ALA A 198 -34.82 -24.82 -4.06
C ALA A 198 -35.54 -24.59 -5.38
N ALA A 199 -34.79 -24.51 -6.48
CA ALA A 199 -35.41 -24.31 -7.78
C ALA A 199 -36.31 -25.47 -8.14
N LEU A 200 -35.89 -26.71 -7.84
CA LEU A 200 -36.73 -27.86 -8.08
C LEU A 200 -38.00 -27.79 -7.23
N ARG A 201 -37.87 -27.38 -5.97
CA ARG A 201 -39.04 -27.28 -5.11
C ARG A 201 -39.99 -26.20 -5.58
N LEU A 202 -39.46 -25.11 -6.11
CA LEU A 202 -40.31 -24.01 -6.56
C LEU A 202 -41.19 -24.44 -7.73
N ARG A 203 -40.65 -25.22 -8.66
CA ARG A 203 -41.44 -25.67 -9.79
C ARG A 203 -42.53 -26.65 -9.37
N GLU A 204 -42.26 -27.46 -8.34
CA GLU A 204 -43.31 -28.33 -7.81
C GLU A 204 -44.47 -27.51 -7.25
N ARG A 205 -44.15 -26.36 -6.67
CA ARG A 205 -45.20 -25.47 -6.18
C ARG A 205 -45.98 -24.89 -7.34
N GLY A 206 -45.39 -24.94 -8.54
CA GLY A 206 -46.04 -24.41 -9.72
C GLY A 206 -45.97 -22.91 -9.87
N VAL A 207 -44.99 -22.26 -9.24
CA VAL A 207 -44.84 -20.81 -9.32
C VAL A 207 -43.48 -20.38 -9.86
N PHE A 208 -42.59 -21.32 -10.13
CA PHE A 208 -41.24 -20.94 -10.54
C PHE A 208 -41.13 -20.46 -11.97
N PRO A 209 -41.93 -21.01 -12.92
CA PRO A 209 -41.84 -20.41 -14.25
C PRO A 209 -42.32 -18.95 -14.26
N VAL A 210 -41.55 -18.03 -14.88
CA VAL A 210 -41.91 -16.61 -14.94
C VAL A 210 -41.80 -16.06 -16.38
N SER A 211 -42.02 -14.77 -16.60
CA SER A 211 -41.97 -14.28 -17.97
C SER A 211 -40.78 -13.35 -18.10
N VAL A 212 -39.70 -13.82 -18.72
CA VAL A 212 -38.50 -13.01 -18.84
C VAL A 212 -38.74 -11.79 -19.71
N PRO A 213 -38.16 -10.64 -19.33
CA PRO A 213 -38.33 -9.41 -20.11
C PRO A 213 -38.21 -9.72 -21.60
N GLU A 214 -37.21 -10.50 -21.97
CA GLU A 214 -37.05 -10.88 -23.37
C GLU A 214 -36.76 -12.37 -23.48
N HIS A 215 -37.59 -13.08 -24.23
CA HIS A 215 -37.40 -14.52 -24.38
C HIS A 215 -35.94 -14.90 -24.49
N LEU A 216 -35.34 -15.29 -23.38
CA LEU A 216 -33.95 -15.72 -23.40
C LEU A 216 -33.89 -17.22 -23.52
N ASP A 217 -35.00 -17.82 -23.94
CA ASP A 217 -35.06 -19.27 -24.03
C ASP A 217 -34.51 -19.87 -22.75
N LEU A 218 -33.26 -20.30 -22.78
CA LEU A 218 -32.64 -20.83 -21.58
C LEU A 218 -31.27 -20.20 -21.40
N ASP A 219 -30.24 -21.02 -21.28
CA ASP A 219 -28.87 -20.54 -21.09
C ASP A 219 -28.76 -19.04 -20.73
N SER A 220 -28.84 -18.12 -21.71
CA SER A 220 -28.72 -16.73 -21.31
C SER A 220 -29.46 -16.51 -20.01
N LEU A 221 -30.66 -17.07 -19.91
CA LEU A 221 -31.47 -16.93 -18.69
C LEU A 221 -30.72 -17.36 -17.44
N LYS A 222 -30.40 -18.63 -17.35
CA LYS A 222 -29.66 -19.13 -16.19
C LYS A 222 -28.42 -18.30 -15.91
N ALA A 223 -27.73 -17.90 -16.96
CA ALA A 223 -26.52 -17.10 -16.80
C ALA A 223 -26.79 -15.81 -16.05
N ALA A 224 -27.69 -15.00 -16.59
CA ALA A 224 -28.06 -13.76 -15.92
C ALA A 224 -28.56 -14.02 -14.50
N MET A 225 -29.27 -15.12 -14.31
CA MET A 225 -29.74 -15.46 -12.98
C MET A 225 -28.57 -15.59 -12.02
N ALA A 226 -27.63 -16.47 -12.34
CA ALA A 226 -26.44 -16.64 -11.51
C ALA A 226 -25.72 -15.32 -11.30
N SER A 227 -25.66 -14.49 -12.34
CA SER A 227 -25.03 -13.18 -12.21
C SER A 227 -25.68 -12.37 -11.10
N ALA A 228 -26.98 -12.13 -11.25
CA ALA A 228 -27.70 -11.38 -10.22
C ALA A 228 -27.45 -11.98 -8.86
N ALA A 229 -27.45 -13.31 -8.79
CA ALA A 229 -27.17 -13.99 -7.52
C ALA A 229 -25.87 -13.50 -6.93
N GLU A 230 -24.76 -13.84 -7.59
CA GLU A 230 -23.45 -13.41 -7.11
C GLU A 230 -23.49 -11.94 -6.71
N ARG A 231 -24.10 -11.10 -7.54
CA ARG A 231 -24.17 -9.68 -7.23
C ARG A 231 -24.44 -9.43 -5.75
N LYS A 354 -23.37 -9.36 -14.63
CA LYS A 354 -22.57 -9.95 -15.69
C LYS A 354 -23.38 -11.03 -16.39
N VAL A 355 -23.88 -10.73 -17.59
CA VAL A 355 -24.58 -11.74 -18.37
C VAL A 355 -23.55 -12.72 -18.87
N ARG A 356 -23.48 -13.88 -18.24
CA ARG A 356 -22.38 -14.82 -18.44
C ARG A 356 -22.68 -15.79 -19.57
N PHE A 357 -21.61 -16.28 -20.20
CA PHE A 357 -21.70 -17.26 -21.28
C PHE A 357 -20.76 -18.41 -20.92
N GLY A 358 -21.32 -19.52 -20.44
CA GLY A 358 -20.52 -20.66 -20.04
C GLY A 358 -20.36 -21.68 -21.15
N LEU A 359 -19.34 -22.53 -21.00
CA LEU A 359 -19.03 -23.56 -21.97
C LEU A 359 -19.53 -24.94 -21.54
N THR A 360 -20.31 -25.02 -20.47
CA THR A 360 -20.82 -26.30 -20.00
C THR A 360 -22.29 -26.28 -19.62
N GLY A 363 -24.43 -20.75 -19.47
CA GLY A 363 -25.04 -19.85 -20.42
C GLY A 363 -24.89 -20.37 -21.84
N ARG A 364 -25.18 -19.53 -22.82
CA ARG A 364 -24.95 -19.90 -24.21
C ARG A 364 -23.44 -20.04 -24.44
N LYS A 365 -23.06 -21.09 -25.17
CA LYS A 365 -21.65 -21.34 -25.42
C LYS A 365 -21.06 -20.24 -26.29
N PHE A 366 -19.77 -19.98 -26.10
CA PHE A 366 -19.05 -18.99 -26.88
C PHE A 366 -17.79 -19.62 -27.45
N VAL A 367 -17.29 -19.02 -28.52
CA VAL A 367 -16.07 -19.46 -29.19
C VAL A 367 -15.15 -18.26 -29.26
N LEU A 368 -14.22 -18.16 -28.32
CA LEU A 368 -13.27 -17.05 -28.27
C LEU A 368 -12.06 -17.40 -29.11
N SER A 369 -11.85 -16.66 -30.20
CA SER A 369 -10.68 -16.81 -31.06
C SER A 369 -9.90 -15.51 -31.06
N ALA A 370 -8.83 -15.47 -31.85
CA ALA A 370 -8.01 -14.27 -31.94
C ALA A 370 -7.48 -14.11 -33.36
N ALA A 371 -7.59 -12.89 -33.88
CA ALA A 371 -7.03 -12.55 -35.18
C ALA A 371 -6.21 -11.29 -35.06
N GLY A 372 -5.05 -11.28 -35.72
CA GLY A 372 -4.17 -10.13 -35.65
C GLY A 372 -3.74 -9.81 -34.24
N SER A 373 -4.29 -8.73 -33.68
CA SER A 373 -4.01 -8.34 -32.30
C SER A 373 -5.30 -8.12 -31.52
N ARG A 374 -6.37 -8.82 -31.89
CA ARG A 374 -7.66 -8.63 -31.26
C ARG A 374 -8.36 -9.97 -31.09
N PHE A 375 -9.36 -9.98 -30.22
CA PHE A 375 -10.16 -11.16 -29.94
C PHE A 375 -11.39 -11.20 -30.85
N LEU A 376 -12.06 -12.35 -30.85
CA LEU A 376 -13.29 -12.54 -31.61
C LEU A 376 -14.19 -13.47 -30.80
N ILE A 377 -15.22 -12.91 -30.18
CA ILE A 377 -16.16 -13.67 -29.37
C ILE A 377 -17.36 -14.02 -30.22
N THR A 378 -17.75 -15.29 -30.23
CA THR A 378 -18.85 -15.80 -31.02
C THR A 378 -19.88 -16.40 -30.08
N VAL A 379 -20.81 -15.57 -29.60
CA VAL A 379 -21.86 -16.05 -28.71
C VAL A 379 -22.87 -16.85 -29.51
N LYS A 380 -23.20 -18.05 -29.04
CA LYS A 380 -24.10 -18.96 -29.74
C LYS A 380 -25.51 -18.77 -29.21
N LEU A 381 -26.15 -17.70 -29.66
CA LEU A 381 -27.52 -17.43 -29.29
C LEU A 381 -28.47 -18.41 -29.97
N PRO A 382 -29.64 -18.66 -29.39
CA PRO A 382 -30.60 -19.56 -30.05
C PRO A 382 -31.02 -19.09 -31.43
N CYS A 383 -31.15 -17.79 -31.64
CA CYS A 383 -31.49 -17.28 -32.97
C CYS A 383 -30.39 -17.59 -33.98
N GLY A 384 -29.14 -17.42 -33.59
CA GLY A 384 -28.03 -17.69 -34.48
C GLY A 384 -26.72 -17.31 -33.84
N ASP A 385 -25.66 -17.42 -34.63
CA ASP A 385 -24.32 -17.08 -34.15
C ASP A 385 -24.09 -15.58 -34.27
N VAL A 386 -23.56 -14.99 -33.20
CA VAL A 386 -23.30 -13.56 -33.13
C VAL A 386 -21.78 -13.40 -33.09
N GLY A 387 -21.19 -13.09 -34.24
CA GLY A 387 -19.75 -12.88 -34.31
C GLY A 387 -19.36 -11.46 -33.95
N LEU A 388 -18.75 -11.28 -32.77
CA LEU A 388 -18.39 -9.96 -32.26
C LEU A 388 -16.88 -9.84 -32.24
N THR A 389 -16.36 -8.87 -32.98
CA THR A 389 -14.95 -8.53 -32.89
C THR A 389 -14.75 -7.50 -31.78
N ALA A 390 -13.60 -7.59 -31.11
CA ALA A 390 -13.31 -6.74 -29.96
C ALA A 390 -12.22 -5.73 -30.31
N VAL A 391 -12.32 -4.56 -29.69
CA VAL A 391 -11.30 -3.52 -29.91
C VAL A 391 -9.96 -4.02 -29.39
N PRO A 392 -8.87 -3.88 -30.15
CA PRO A 392 -7.58 -4.44 -29.71
C PRO A 392 -7.12 -3.82 -28.40
N SER A 393 -7.04 -4.65 -27.36
CA SER A 393 -6.59 -4.23 -26.04
C SER A 393 -5.08 -4.35 -25.94
N ARG A 394 -4.48 -3.45 -25.16
CA ARG A 394 -3.06 -3.54 -24.86
C ARG A 394 -2.75 -4.49 -23.71
N TYR A 395 -3.78 -4.93 -22.99
CA TYR A 395 -3.59 -5.98 -21.99
C TYR A 395 -3.41 -7.33 -22.66
N PHE A 396 -4.41 -7.78 -23.41
CA PHE A 396 -4.32 -9.01 -24.18
C PHE A 396 -3.69 -8.73 -25.55
N TRP A 397 -2.46 -8.23 -25.50
CA TRP A 397 -1.78 -7.82 -26.73
C TRP A 397 -1.21 -9.04 -27.46
N ASN A 398 -1.40 -9.06 -28.77
CA ASN A 398 -0.95 -10.15 -29.63
C ASN A 398 -1.37 -11.52 -29.09
N PRO A 399 -2.66 -11.77 -28.92
CA PRO A 399 -3.09 -12.99 -28.25
C PRO A 399 -3.20 -14.17 -29.21
N SER A 400 -2.97 -15.35 -28.65
CA SER A 400 -3.13 -16.62 -29.36
C SER A 400 -4.04 -17.51 -28.52
N VAL A 401 -5.11 -18.02 -29.13
CA VAL A 401 -6.11 -18.81 -28.44
C VAL A 401 -6.19 -20.18 -29.10
N GLY A 402 -6.18 -21.23 -28.28
CA GLY A 402 -6.36 -22.57 -28.77
C GLY A 402 -7.24 -23.38 -27.84
N ARG A 403 -8.33 -23.93 -28.37
CA ARG A 403 -9.27 -24.67 -27.54
C ARG A 403 -8.62 -25.93 -26.99
N THR A 404 -8.86 -26.20 -25.70
CA THR A 404 -8.34 -27.38 -25.04
C THR A 404 -9.42 -28.45 -24.96
N THR A 405 -9.03 -29.62 -24.45
CA THR A 405 -9.96 -30.73 -24.27
C THR A 405 -10.72 -30.66 -22.96
N SER A 406 -10.46 -29.64 -22.13
CA SER A 406 -11.10 -29.50 -20.83
C SER A 406 -12.18 -28.40 -20.85
N ASN A 407 -12.79 -28.17 -22.00
CA ASN A 407 -13.83 -27.15 -22.16
C ASN A 407 -13.32 -25.78 -21.73
N SER A 408 -12.29 -25.32 -22.43
CA SER A 408 -11.60 -24.10 -22.04
C SER A 408 -10.87 -23.54 -23.26
N PHE A 409 -10.38 -22.31 -23.12
CA PHE A 409 -9.54 -21.69 -24.12
C PHE A 409 -8.23 -21.26 -23.48
N ARG A 410 -7.12 -21.58 -24.13
CA ARG A 410 -5.79 -21.28 -23.61
C ARG A 410 -5.29 -20.01 -24.30
N ILE A 411 -5.36 -18.89 -23.60
CA ILE A 411 -4.96 -17.60 -24.15
C ILE A 411 -3.50 -17.34 -23.78
N GLU A 412 -2.75 -16.81 -24.74
CA GLU A 412 -1.34 -16.48 -24.57
C GLU A 412 -1.11 -15.07 -25.10
N PHE A 413 -0.83 -14.14 -24.21
CA PHE A 413 -0.80 -12.73 -24.57
C PHE A 413 0.44 -12.07 -23.97
N THR A 414 0.47 -10.74 -24.03
CA THR A 414 1.59 -9.95 -23.52
C THR A 414 1.03 -8.72 -22.84
N LYS A 415 1.31 -8.57 -21.54
CA LYS A 415 0.69 -7.49 -20.77
C LYS A 415 1.44 -6.18 -20.93
N GLU A 419 9.28 -5.84 -21.49
CA GLU A 419 9.74 -7.15 -21.91
C GLU A 419 8.74 -7.76 -22.87
N ASN A 420 8.96 -9.02 -23.22
CA ASN A 420 8.08 -9.77 -24.10
C ASN A 420 7.52 -11.00 -23.38
N ARG A 421 7.25 -10.85 -22.08
CA ARG A 421 6.72 -11.96 -21.30
C ARG A 421 5.35 -12.35 -21.82
N ARG A 422 5.19 -13.62 -22.18
CA ARG A 422 3.96 -14.12 -22.77
C ARG A 422 3.15 -14.79 -21.67
N TYR A 423 2.25 -14.02 -21.06
CA TYR A 423 1.40 -14.56 -20.01
C TYR A 423 0.42 -15.57 -20.59
N VAL A 424 0.08 -16.57 -19.78
CA VAL A 424 -0.79 -17.68 -20.18
C VAL A 424 -1.96 -17.75 -19.21
N GLY A 425 -3.16 -17.92 -19.76
CA GLY A 425 -4.35 -18.04 -18.95
C GLY A 425 -5.35 -18.99 -19.58
N GLU A 426 -6.33 -19.39 -18.77
CA GLU A 426 -7.41 -20.27 -19.21
C GLU A 426 -8.73 -19.55 -19.04
N VAL A 427 -9.51 -19.50 -20.12
CA VAL A 427 -10.81 -18.84 -20.14
C VAL A 427 -11.89 -19.90 -20.21
N LYS A 428 -12.83 -19.85 -19.27
CA LYS A 428 -13.98 -20.75 -19.24
C LYS A 428 -15.32 -20.05 -19.16
N GLU A 429 -15.35 -18.79 -18.71
CA GLU A 429 -16.58 -18.02 -18.64
C GLU A 429 -16.29 -16.59 -19.04
N ILE A 430 -17.28 -15.96 -19.67
CA ILE A 430 -17.18 -14.60 -20.14
C ILE A 430 -18.39 -13.82 -19.63
N GLY A 431 -18.23 -12.52 -19.47
CA GLY A 431 -19.29 -11.69 -18.92
C GLY A 431 -19.47 -10.41 -19.71
N LEU A 432 -20.72 -10.00 -19.87
CA LEU A 432 -21.08 -8.83 -20.67
C LEU A 432 -21.76 -7.80 -19.79
N VAL A 433 -21.29 -6.56 -19.85
CA VAL A 433 -21.88 -5.45 -19.09
C VAL A 433 -22.03 -4.26 -20.03
N ARG A 434 -22.76 -3.25 -19.54
CA ARG A 434 -23.02 -2.02 -20.29
C ARG A 434 -22.75 -0.83 -19.40
N GLN A 435 -21.74 -0.04 -19.76
CA GLN A 435 -21.40 1.20 -19.06
C GLN A 435 -21.51 2.35 -20.04
N ARG A 436 -22.39 3.31 -19.74
CA ARG A 436 -22.58 4.50 -20.58
C ARG A 436 -22.89 4.12 -22.03
N GLY A 437 -23.77 3.13 -22.19
CA GLY A 437 -24.13 2.66 -23.51
C GLY A 437 -23.02 1.94 -24.25
N ARG A 438 -21.95 1.56 -23.57
CA ARG A 438 -20.83 0.85 -24.17
C ARG A 438 -20.81 -0.57 -23.62
N TYR A 439 -20.75 -1.54 -24.53
CA TYR A 439 -20.75 -2.93 -24.12
C TYR A 439 -19.34 -3.45 -23.90
N TYR A 440 -19.12 -4.05 -22.76
CA TYR A 440 -17.80 -4.55 -22.39
C TYR A 440 -17.88 -6.04 -22.06
N PHE A 441 -16.81 -6.75 -22.42
CA PHE A 441 -16.65 -8.17 -22.11
C PHE A 441 -15.55 -8.34 -21.08
N PHE A 442 -15.86 -9.03 -19.99
CA PHE A 442 -14.90 -9.34 -18.93
C PHE A 442 -14.23 -10.66 -19.26
N ILE A 443 -12.93 -10.63 -19.58
CA ILE A 443 -12.18 -11.87 -19.83
C ILE A 443 -11.57 -12.27 -18.48
N ASP A 444 -12.39 -12.95 -17.67
CA ASP A 444 -11.92 -13.48 -16.40
C ASP A 444 -11.23 -14.81 -16.65
N TYR A 445 -9.91 -14.85 -16.49
CA TYR A 445 -9.13 -16.02 -16.85
C TYR A 445 -8.36 -16.53 -15.64
N ASN A 446 -8.32 -17.86 -15.52
CA ASN A 446 -7.50 -18.51 -14.52
C ASN A 446 -6.04 -18.50 -14.95
N PHE A 447 -5.15 -18.58 -13.97
CA PHE A 447 -3.72 -18.63 -14.26
C PHE A 447 -3.03 -19.45 -13.18
N ASP A 448 -1.84 -19.93 -13.50
CA ASP A 448 -1.08 -20.78 -12.59
C ASP A 448 0.07 -19.99 -11.97
N PRO A 449 0.06 -19.75 -10.66
CA PRO A 449 1.16 -19.03 -10.03
C PRO A 449 2.45 -19.84 -10.11
N GLU A 450 3.57 -19.12 -10.03
CA GLU A 450 4.87 -19.75 -10.13
C GLU A 450 5.08 -20.73 -9.00
N GLU A 451 5.82 -21.80 -9.28
CA GLU A 451 6.06 -22.84 -8.30
C GLU A 451 6.91 -22.33 -7.15
N VAL A 452 6.50 -22.67 -5.93
CA VAL A 452 7.22 -22.31 -4.72
C VAL A 452 7.80 -23.59 -4.12
N SER A 453 9.10 -23.60 -3.89
CA SER A 453 9.76 -24.79 -3.35
C SER A 453 9.35 -25.03 -1.91
N ASP A 454 9.43 -26.29 -1.49
CA ASP A 454 9.21 -26.62 -0.08
C ASP A 454 10.33 -26.11 0.80
N GLU A 455 11.53 -25.90 0.25
CA GLU A 455 12.61 -25.31 1.01
C GLU A 455 12.28 -23.88 1.42
N THR A 456 11.65 -23.12 0.53
CA THR A 456 11.22 -21.77 0.89
C THR A 456 10.22 -21.80 2.02
N LYS A 457 9.26 -22.73 1.97
CA LYS A 457 8.26 -22.81 3.03
C LYS A 457 8.88 -23.21 4.36
N VAL A 458 9.78 -24.19 4.36
CA VAL A 458 10.40 -24.60 5.62
C VAL A 458 11.30 -23.50 6.15
N GLY A 459 11.98 -22.76 5.27
CA GLY A 459 12.81 -21.66 5.72
C GLY A 459 12.00 -20.53 6.33
N ARG A 460 10.86 -20.20 5.72
CA ARG A 460 9.98 -19.19 6.29
C ARG A 460 9.46 -19.63 7.65
N ALA A 461 9.06 -20.91 7.76
CA ALA A 461 8.58 -21.42 9.04
C ALA A 461 9.66 -21.37 10.10
N PHE A 462 10.90 -21.68 9.73
CA PHE A 462 12.00 -21.63 10.68
C PHE A 462 12.28 -20.19 11.13
N PHE A 463 12.40 -19.27 10.18
CA PHE A 463 12.84 -17.92 10.52
C PHE A 463 11.74 -17.11 11.18
N ARG A 464 10.48 -17.43 10.91
CA ARG A 464 9.39 -16.67 11.51
C ARG A 464 9.09 -17.09 12.95
N ALA A 465 9.61 -18.23 13.40
CA ALA A 465 9.26 -18.75 14.71
C ALA A 465 10.16 -18.16 15.79
N PRO A 466 9.60 -17.91 16.98
CA PRO A 466 10.43 -17.44 18.09
C PRO A 466 11.44 -18.49 18.51
N LEU A 467 12.49 -18.03 19.20
CA LEU A 467 13.54 -18.93 19.63
C LEU A 467 13.06 -19.93 20.67
N ASN A 468 11.91 -19.68 21.29
CA ASN A 468 11.34 -20.65 22.23
C ASN A 468 10.99 -21.95 21.52
N GLU A 469 10.37 -21.86 20.36
CA GLU A 469 9.96 -23.03 19.60
C GLU A 469 11.14 -23.64 18.86
N SER A 470 10.91 -24.82 18.29
CA SER A 470 11.92 -25.53 17.52
C SER A 470 11.34 -25.90 16.16
N ARG A 471 12.01 -25.48 15.09
CA ARG A 471 11.61 -25.75 13.73
C ARG A 471 12.79 -26.29 12.94
N PRO A 472 12.53 -27.12 11.93
CA PRO A 472 13.63 -27.67 11.13
C PRO A 472 14.35 -26.59 10.34
N LYS A 473 15.65 -26.79 10.14
CA LYS A 473 16.45 -25.85 9.39
C LYS A 473 16.08 -25.91 7.90
N PRO A 474 16.26 -24.80 7.17
CA PRO A 474 15.96 -24.82 5.74
C PRO A 474 16.76 -25.86 4.96
N LYS A 475 18.03 -26.06 5.32
CA LYS A 475 18.90 -27.01 4.64
C LYS A 475 18.98 -26.67 3.14
N ASP A 476 19.07 -25.37 2.85
CA ASP A 476 19.22 -24.90 1.48
C ASP A 476 19.82 -23.51 1.51
N LYS A 477 20.34 -23.09 0.35
CA LYS A 477 20.94 -21.77 0.20
C LYS A 477 19.88 -20.82 -0.35
N LEU A 478 19.01 -20.36 0.55
CA LEU A 478 17.93 -19.46 0.17
C LEU A 478 18.47 -18.06 -0.05
N THR A 479 17.56 -17.14 -0.37
CA THR A 479 17.88 -15.73 -0.52
C THR A 479 16.82 -14.90 0.19
N VAL A 480 17.26 -13.91 0.95
CA VAL A 480 16.38 -13.09 1.77
C VAL A 480 16.55 -11.63 1.40
N MET A 481 15.42 -10.95 1.22
CA MET A 481 15.36 -9.54 0.85
C MET A 481 14.73 -8.75 1.98
N GLY A 482 15.51 -7.91 2.66
CA GLY A 482 14.98 -7.03 3.67
C GLY A 482 14.55 -5.72 3.03
N ILE A 483 13.32 -5.30 3.31
CA ILE A 483 12.72 -4.16 2.62
C ILE A 483 12.22 -3.14 3.64
N ASP A 484 12.57 -1.87 3.42
CA ASP A 484 12.02 -0.74 4.15
C ASP A 484 11.16 0.09 3.20
N LEU A 485 9.97 0.47 3.66
CA LEU A 485 9.06 1.24 2.84
C LEU A 485 8.96 2.69 3.32
N GLY A 486 8.98 3.61 2.36
CA GLY A 486 8.83 5.02 2.65
C GLY A 486 8.18 5.72 1.47
N ILE A 487 8.20 7.05 1.52
CA ILE A 487 7.65 7.86 0.43
C ILE A 487 8.74 8.62 -0.32
N ASN A 488 9.74 9.16 0.39
CA ASN A 488 10.79 9.84 -0.35
C ASN A 488 11.72 8.77 -0.95
N PRO A 489 12.36 7.90 -0.15
CA PRO A 489 12.91 6.67 -0.74
C PRO A 489 11.83 5.61 -0.80
N ALA A 490 11.04 5.60 -1.89
CA ALA A 490 9.85 4.74 -1.99
C ALA A 490 10.04 3.39 -1.33
N PHE A 491 11.17 2.73 -1.59
CA PHE A 491 11.59 1.60 -0.78
C PHE A 491 13.09 1.39 -0.95
N ALA A 492 13.69 0.72 0.03
CA ALA A 492 15.10 0.35 0.00
C ALA A 492 15.22 -1.11 0.40
N PHE A 493 16.27 -1.78 -0.11
CA PHE A 493 16.37 -3.22 0.04
C PHE A 493 17.80 -3.63 0.34
N ALA A 494 17.92 -4.80 0.96
CA ALA A 494 19.20 -5.47 1.20
C ALA A 494 19.02 -6.96 0.91
N VAL A 495 20.06 -7.59 0.36
CA VAL A 495 19.98 -8.97 -0.11
C VAL A 495 21.02 -9.81 0.64
N CYS A 496 20.60 -10.96 1.16
CA CYS A 496 21.52 -11.89 1.79
C CYS A 496 21.27 -13.30 1.29
N THR A 497 22.33 -14.10 1.24
CA THR A 497 22.26 -15.49 0.82
C THR A 497 22.79 -16.38 1.94
N LEU A 498 22.01 -17.38 2.32
CA LEU A 498 22.39 -18.24 3.43
C LEU A 498 23.63 -19.06 3.08
N GLY A 499 24.52 -19.21 4.06
CA GLY A 499 25.74 -19.97 3.84
C GLY A 499 26.64 -19.38 2.79
N GLU A 500 26.70 -18.05 2.69
CA GLU A 500 27.54 -17.39 1.70
C GLU A 500 27.89 -16.01 2.23
N CYS A 501 29.12 -15.84 2.70
CA CYS A 501 29.57 -14.61 3.34
C CYS A 501 30.91 -14.21 2.73
N GLN A 502 30.91 -13.15 1.92
CA GLN A 502 32.14 -12.66 1.30
C GLN A 502 32.52 -11.26 1.79
N ASP A 503 31.63 -10.28 1.63
CA ASP A 503 31.94 -8.91 2.01
C ASP A 503 30.68 -8.08 2.11
N GLY A 504 30.56 -7.30 3.17
CA GLY A 504 29.39 -6.47 3.40
C GLY A 504 29.08 -6.43 4.88
N ILE A 505 27.92 -5.85 5.19
CA ILE A 505 27.48 -5.77 6.57
C ILE A 505 27.09 -7.17 7.03
N ARG A 506 27.96 -7.79 7.83
CA ARG A 506 27.72 -9.15 8.27
C ARG A 506 26.57 -9.19 9.27
N SER A 507 25.76 -10.24 9.17
CA SER A 507 24.62 -10.44 10.06
C SER A 507 24.62 -11.88 10.55
N PRO A 508 24.42 -12.10 11.84
CA PRO A 508 24.26 -13.47 12.32
C PRO A 508 22.99 -14.09 11.77
N VAL A 509 23.00 -15.43 11.66
CA VAL A 509 21.85 -16.20 11.25
C VAL A 509 21.57 -17.23 12.32
N ALA A 510 20.29 -17.40 12.66
CA ALA A 510 19.92 -18.30 13.74
C ALA A 510 20.39 -19.73 13.46
N LYS A 511 21.32 -20.21 14.30
CA LYS A 511 21.82 -21.59 14.24
C LYS A 511 22.55 -21.87 12.94
N MET A 512 23.08 -20.84 12.28
CA MET A 512 23.88 -21.02 11.07
C MET A 512 25.04 -20.03 11.11
N GLU A 513 25.73 -19.91 9.98
CA GLU A 513 26.87 -19.01 9.85
C GLU A 513 26.38 -17.60 9.48
N ASP A 514 27.26 -16.63 9.69
CA ASP A 514 26.95 -15.25 9.35
C ASP A 514 26.85 -15.08 7.84
N VAL A 515 26.03 -14.12 7.41
CA VAL A 515 25.82 -13.83 6.00
C VAL A 515 26.10 -12.36 5.75
N SER A 516 26.66 -12.06 4.58
CA SER A 516 27.02 -10.70 4.20
C SER A 516 26.01 -10.17 3.19
N PHE A 517 25.51 -8.96 3.44
CA PHE A 517 24.55 -8.31 2.56
C PHE A 517 25.30 -7.71 1.37
N ASP A 518 25.31 -8.46 0.27
CA ASP A 518 26.07 -8.03 -0.91
C ASP A 518 25.35 -6.87 -1.60
N SER A 519 24.13 -7.10 -2.06
CA SER A 519 23.40 -6.11 -2.83
C SER A 519 22.51 -5.30 -1.90
N THR A 520 22.85 -4.02 -1.73
CA THR A 520 22.08 -3.10 -0.92
C THR A 520 21.77 -1.87 -1.77
N GLY A 521 20.50 -1.52 -1.87
CA GLY A 521 20.11 -0.47 -2.80
C GLY A 521 18.91 0.33 -2.34
N LEU A 522 18.66 1.42 -3.06
CA LEU A 522 17.56 2.33 -2.78
C LEU A 522 16.80 2.58 -4.08
N ARG A 523 15.60 2.01 -4.19
CA ARG A 523 14.75 2.26 -5.33
C ARG A 523 13.79 3.40 -5.02
N GLY A 524 13.04 3.82 -6.02
CA GLY A 524 12.22 5.01 -5.85
C GLY A 524 13.08 6.25 -5.83
N GLY A 525 12.74 7.18 -4.95
CA GLY A 525 13.53 8.39 -4.78
C GLY A 525 13.03 9.54 -5.64
N ILE A 526 13.70 10.68 -5.47
CA ILE A 526 13.32 11.88 -6.22
C ILE A 526 13.83 11.78 -7.64
N GLY A 527 12.93 12.00 -8.60
CA GLY A 527 13.32 12.00 -10.00
C GLY A 527 14.06 13.25 -10.40
N SER A 528 13.39 14.40 -10.29
CA SER A 528 13.99 15.70 -10.48
C SER A 528 13.74 16.56 -9.25
N GLN A 529 14.78 17.28 -8.81
CA GLN A 529 14.67 18.03 -7.56
C GLN A 529 13.76 19.25 -7.72
N LYS A 530 13.81 19.91 -8.88
CA LYS A 530 13.01 21.11 -9.08
C LYS A 530 11.52 20.80 -9.01
N LEU A 531 11.09 19.72 -9.66
CA LEU A 531 9.68 19.35 -9.63
C LEU A 531 9.22 19.00 -8.22
N HIS A 532 10.03 18.23 -7.49
CA HIS A 532 9.69 17.88 -6.12
C HIS A 532 9.56 19.12 -5.25
N ARG A 533 10.49 20.06 -5.40
CA ARG A 533 10.44 21.29 -4.64
C ARG A 533 9.19 22.09 -4.98
N GLU A 534 8.83 22.15 -6.26
CA GLU A 534 7.64 22.90 -6.65
C GLU A 534 6.37 22.28 -6.10
N MET A 535 6.25 20.95 -6.15
CA MET A 535 5.07 20.31 -5.56
C MET A 535 5.01 20.57 -4.06
N HIS A 536 6.15 20.50 -3.36
CA HIS A 536 6.15 20.77 -1.93
C HIS A 536 5.71 22.19 -1.63
N ASN A 537 6.25 23.17 -2.38
CA ASN A 537 5.90 24.56 -2.16
C ASN A 537 4.42 24.81 -2.43
N LEU A 538 3.89 24.26 -3.52
CA LEU A 538 2.48 24.50 -3.82
C LEU A 538 1.57 23.77 -2.84
N SER A 539 1.97 22.60 -2.35
CA SER A 539 1.20 21.93 -1.31
C SER A 539 1.14 22.77 -0.05
N ASP A 540 2.27 23.37 0.34
CA ASP A 540 2.27 24.25 1.50
C ASP A 540 1.38 25.47 1.27
N ARG A 541 1.45 26.06 0.08
CA ARG A 541 0.65 27.24 -0.21
C ARG A 541 -0.84 26.92 -0.16
N CYS A 542 -1.25 25.79 -0.76
CA CYS A 542 -2.65 25.39 -0.69
C CYS A 542 -3.06 24.96 0.70
N PHE A 543 -2.11 24.48 1.51
CA PHE A 543 -2.40 24.15 2.90
C PHE A 543 -2.74 25.39 3.70
N TYR A 544 -1.98 26.46 3.52
CA TYR A 544 -2.22 27.69 4.27
C TYR A 544 -3.31 28.56 3.66
N GLY A 545 -3.64 28.35 2.39
CA GLY A 545 -4.67 29.17 1.76
C GLY A 545 -6.04 28.98 2.39
N ALA A 546 -6.40 27.74 2.71
CA ALA A 546 -7.72 27.48 3.30
C ALA A 546 -7.87 28.17 4.65
N ARG A 547 -6.84 28.07 5.49
CA ARG A 547 -6.89 28.76 6.78
C ARG A 547 -6.90 30.27 6.60
N TYR A 548 -6.15 30.79 5.62
CA TYR A 548 -6.18 32.23 5.40
C TYR A 548 -7.57 32.69 5.00
N ILE A 549 -8.25 31.95 4.11
CA ILE A 549 -9.57 32.42 3.71
C ILE A 549 -10.59 32.23 4.83
N ARG A 550 -10.40 31.22 5.68
CA ARG A 550 -11.25 31.10 6.86
C ARG A 550 -11.10 32.33 7.76
N LEU A 551 -9.86 32.73 8.02
CA LEU A 551 -9.62 33.89 8.88
C LEU A 551 -10.11 35.18 8.23
N SER A 552 -9.97 35.29 6.90
CA SER A 552 -10.48 36.46 6.21
C SER A 552 -12.00 36.51 6.21
N LYS A 553 -12.65 35.34 6.14
CA LYS A 553 -14.10 35.29 6.29
C LYS A 553 -14.52 35.73 7.68
N LYS A 554 -13.75 35.33 8.70
CA LYS A 554 -14.01 35.82 10.05
C LYS A 554 -13.85 37.33 10.14
N LEU A 555 -12.78 37.86 9.53
CA LEU A 555 -12.54 39.30 9.56
C LEU A 555 -13.65 40.07 8.86
N ARG A 556 -14.11 39.58 7.71
CA ARG A 556 -15.15 40.29 6.97
C ARG A 556 -16.47 40.28 7.73
N ASP A 557 -16.76 39.19 8.44
CA ASP A 557 -18.04 39.05 9.15
C ASP A 557 -17.95 39.55 10.59
N ARG A 558 -17.05 38.96 11.39
CA ARG A 558 -16.97 39.31 12.80
C ARG A 558 -16.38 40.71 12.98
N GLY A 559 -15.40 41.08 12.15
CA GLY A 559 -14.78 42.37 12.24
C GLY A 559 -13.56 42.45 13.14
N ALA A 560 -13.27 41.38 13.88
CA ALA A 560 -12.12 41.38 14.77
C ALA A 560 -11.68 39.94 15.00
N LEU A 561 -10.44 39.77 15.44
CA LEU A 561 -9.86 38.47 15.69
C LEU A 561 -9.47 38.34 17.16
N ASN A 562 -9.37 37.08 17.60
CA ASN A 562 -8.84 36.80 18.93
C ASN A 562 -7.33 37.03 18.95
N ASP A 563 -6.76 37.03 20.15
CA ASP A 563 -5.33 37.27 20.29
C ASP A 563 -4.51 36.20 19.60
N ILE A 564 -4.92 34.94 19.71
CA ILE A 564 -4.16 33.85 19.11
C ILE A 564 -4.28 33.88 17.59
N GLU A 565 -5.50 34.12 17.07
CA GLU A 565 -5.70 34.07 15.62
C GLU A 565 -4.95 35.20 14.91
N ALA A 566 -5.01 36.42 15.46
CA ALA A 566 -4.31 37.53 14.84
C ALA A 566 -2.81 37.29 14.81
N ARG A 567 -2.26 36.74 15.91
CA ARG A 567 -0.86 36.34 15.91
C ARG A 567 -0.61 35.22 14.92
N LEU A 568 -1.52 34.25 14.85
CA LEU A 568 -1.36 33.14 13.91
C LEU A 568 -1.40 33.62 12.47
N LEU A 569 -2.34 34.52 12.16
CA LEU A 569 -2.50 34.99 10.78
C LEU A 569 -1.28 35.75 10.30
N GLU A 570 -0.77 36.68 11.12
CA GLU A 570 0.34 37.51 10.69
C GLU A 570 1.67 36.73 10.70
N GLU A 571 1.89 35.91 11.72
CA GLU A 571 3.17 35.23 11.85
C GLU A 571 3.29 34.05 10.90
N LYS A 572 2.20 33.33 10.65
CA LYS A 572 2.26 32.07 9.93
C LYS A 572 1.49 32.07 8.62
N TYR A 573 0.24 32.54 8.62
CA TYR A 573 -0.59 32.37 7.44
C TYR A 573 -0.19 33.32 6.32
N ILE A 574 0.16 34.56 6.65
CA ILE A 574 0.58 35.52 5.62
C ILE A 574 1.84 35.07 4.90
N PRO A 575 2.93 34.68 5.58
CA PRO A 575 4.09 34.19 4.84
C PRO A 575 3.87 32.83 4.19
N GLY A 576 2.85 32.09 4.60
CA GLY A 576 2.58 30.79 4.02
C GLY A 576 1.78 30.88 2.73
N PHE A 577 0.65 31.59 2.77
CA PHE A 577 -0.15 31.82 1.58
C PHE A 577 0.55 32.75 0.58
N ARG A 578 1.61 33.43 1.01
CA ARG A 578 2.34 34.38 0.16
C ARG A 578 1.40 35.44 -0.41
N ILE A 579 0.49 35.91 0.42
CA ILE A 579 -0.47 36.94 0.05
C ILE A 579 -0.13 38.22 0.80
N VAL A 580 -0.66 39.33 0.31
CA VAL A 580 -0.53 40.62 0.98
C VAL A 580 -1.85 40.92 1.67
N HIS A 581 -1.80 41.20 2.97
CA HIS A 581 -3.01 41.39 3.76
C HIS A 581 -3.57 42.79 3.51
N ILE A 582 -4.82 42.85 3.04
CA ILE A 582 -5.50 44.10 2.77
C ILE A 582 -6.56 44.31 3.84
N GLU A 583 -6.65 45.53 4.37
CA GLU A 583 -7.63 45.82 5.40
C GLU A 583 -9.04 45.90 4.82
N ASP A 584 -9.18 46.44 3.61
CA ASP A 584 -10.49 46.55 2.98
C ASP A 584 -11.00 45.18 2.59
N ALA A 585 -12.20 44.84 3.06
CA ALA A 585 -12.77 43.52 2.83
C ALA A 585 -13.29 43.32 1.41
N ASP A 586 -13.59 44.41 0.70
CA ASP A 586 -14.13 44.27 -0.66
C ASP A 586 -13.07 43.78 -1.63
N GLU A 587 -11.88 44.40 -1.59
CA GLU A 587 -10.77 44.01 -2.46
C GLU A 587 -9.93 42.89 -1.88
N ARG A 588 -10.16 42.53 -0.62
CA ARG A 588 -9.51 41.35 -0.05
C ARG A 588 -9.90 40.09 -0.83
N ARG A 589 -11.18 39.97 -1.16
CA ARG A 589 -11.63 38.83 -1.96
C ARG A 589 -11.00 38.86 -3.35
N ARG A 590 -10.77 40.05 -3.91
CA ARG A 590 -10.14 40.14 -5.23
C ARG A 590 -8.68 39.69 -5.18
N THR A 591 -7.95 40.12 -4.14
CA THR A 591 -6.58 39.65 -3.98
C THR A 591 -6.53 38.15 -3.76
N VAL A 592 -7.47 37.62 -2.98
CA VAL A 592 -7.53 36.18 -2.75
C VAL A 592 -7.81 35.44 -4.06
N GLY A 593 -8.73 35.96 -4.86
CA GLY A 593 -9.03 35.32 -6.14
C GLY A 593 -7.85 35.35 -7.09
N ARG A 594 -7.10 36.46 -7.10
CA ARG A 594 -5.90 36.52 -7.93
C ARG A 594 -4.87 35.49 -7.45
N THR A 595 -4.72 35.36 -6.14
CA THR A 595 -3.78 34.37 -5.61
C THR A 595 -4.21 32.95 -5.97
N VAL A 596 -5.52 32.66 -5.91
CA VAL A 596 -6.01 31.33 -6.25
C VAL A 596 -5.82 31.06 -7.74
N LYS A 597 -6.01 32.09 -8.57
CA LYS A 597 -5.75 31.93 -10.01
C LYS A 597 -4.28 31.61 -10.26
N GLU A 598 -3.37 32.31 -9.56
CA GLU A 598 -1.95 32.01 -9.69
C GLU A 598 -1.64 30.60 -9.22
N ILE A 599 -2.28 30.17 -8.14
CA ILE A 599 -2.08 28.82 -7.62
C ILE A 599 -2.53 27.79 -8.65
N LYS A 600 -3.67 28.02 -9.28
CA LYS A 600 -4.17 27.08 -10.28
C LYS A 600 -3.27 27.06 -11.51
N GLN A 601 -2.76 28.21 -11.92
CA GLN A 601 -1.83 28.24 -13.06
C GLN A 601 -0.57 27.45 -12.74
N GLU A 602 -0.01 27.64 -11.55
CA GLU A 602 1.17 26.88 -11.15
C GLU A 602 0.86 25.38 -11.07
N TYR A 603 -0.34 25.03 -10.59
CA TYR A 603 -0.72 23.63 -10.52
C TYR A 603 -0.83 23.01 -11.90
N LYS A 604 -1.40 23.74 -12.86
CA LYS A 604 -1.48 23.25 -14.23
C LYS A 604 -0.09 23.06 -14.83
N ARG A 605 0.80 24.03 -14.58
CA ARG A 605 2.18 23.91 -15.06
C ARG A 605 2.86 22.69 -14.45
N ILE A 606 2.67 22.46 -13.16
CA ILE A 606 3.28 21.32 -12.49
C ILE A 606 2.73 20.01 -13.04
N ARG A 607 1.42 19.95 -13.26
CA ARG A 607 0.82 18.74 -13.81
C ARG A 607 1.32 18.46 -15.22
N HIS A 608 1.48 19.51 -16.03
CA HIS A 608 2.02 19.31 -17.38
C HIS A 608 3.47 18.83 -17.33
N GLN A 609 4.27 19.40 -16.44
CA GLN A 609 5.65 18.94 -16.30
C GLN A 609 5.71 17.50 -15.83
N PHE A 610 4.79 17.10 -14.96
CA PHE A 610 4.71 15.71 -14.51
C PHE A 610 4.25 14.80 -15.63
N TYR A 611 3.38 15.28 -16.52
CA TYR A 611 2.96 14.49 -17.67
C TYR A 611 4.08 14.33 -18.69
N LEU A 612 4.95 15.35 -18.82
CA LEU A 612 5.97 15.33 -19.86
C LEU A 612 7.10 14.34 -19.59
N ARG A 613 7.14 13.72 -18.41
CA ARG A 613 8.17 12.73 -18.13
C ARG A 613 8.11 11.55 -19.09
N TYR A 614 6.97 11.34 -19.72
CA TYR A 614 6.81 10.22 -20.63
C TYR A 614 6.66 10.66 -22.08
N HIS A 615 6.91 11.94 -22.37
CA HIS A 615 6.67 12.41 -23.73
C HIS A 615 7.74 13.39 -24.18
N THR A 616 8.98 13.17 -23.77
CA THR A 616 10.13 13.92 -24.26
C THR A 616 11.29 12.95 -24.41
N SER A 617 12.50 13.48 -24.52
CA SER A 617 13.68 12.63 -24.49
C SER A 617 13.92 12.01 -23.13
N LYS A 618 13.19 12.46 -22.10
CA LYS A 618 13.21 11.95 -20.73
C LYS A 618 12.49 10.65 -20.58
N ARG A 619 12.07 10.07 -21.70
CA ARG A 619 11.40 8.79 -21.67
C ARG A 619 12.31 7.71 -21.10
N ASP A 620 13.60 7.74 -21.48
CA ASP A 620 14.51 6.71 -21.01
C ASP A 620 14.84 6.86 -19.53
N ARG A 621 15.05 8.09 -19.06
CA ARG A 621 15.47 8.32 -17.68
C ARG A 621 14.32 8.43 -16.70
N THR A 622 13.08 8.22 -17.13
CA THR A 622 11.96 8.17 -16.19
C THR A 622 11.97 6.84 -15.45
N GLU A 623 11.86 6.90 -14.12
CA GLU A 623 11.88 5.69 -13.31
C GLU A 623 10.49 5.07 -13.24
N LEU A 624 10.46 3.79 -12.87
CA LEU A 624 9.19 3.09 -12.69
C LEU A 624 8.36 3.73 -11.60
N ILE A 625 8.99 4.05 -10.47
CA ILE A 625 8.34 4.74 -9.36
C ILE A 625 9.30 5.79 -8.84
N SER A 626 8.75 6.91 -8.39
CA SER A 626 9.57 8.01 -7.91
C SER A 626 8.85 8.71 -6.77
N ALA A 627 9.58 9.60 -6.08
CA ALA A 627 9.03 10.30 -4.93
C ALA A 627 7.96 11.31 -5.31
N GLU A 628 7.84 11.66 -6.59
CA GLU A 628 6.81 12.60 -7.01
C GLU A 628 5.42 12.00 -7.05
N TYR A 629 5.31 10.66 -7.11
CA TYR A 629 4.00 10.03 -7.12
C TYR A 629 3.23 10.28 -5.83
N PHE A 630 3.93 10.52 -4.73
CA PHE A 630 3.32 10.81 -3.44
C PHE A 630 3.17 12.31 -3.19
N ARG A 631 4.17 13.09 -3.60
CA ARG A 631 4.06 14.53 -3.48
C ARG A 631 2.92 15.06 -4.33
N MET A 632 2.70 14.48 -5.51
CA MET A 632 1.58 14.88 -6.34
C MET A 632 0.25 14.56 -5.67
N LEU A 633 0.16 13.41 -4.99
CA LEU A 633 -1.07 13.08 -4.27
C LEU A 633 -1.32 14.06 -3.14
N PHE A 634 -0.28 14.40 -2.37
CA PHE A 634 -0.46 15.38 -1.31
C PHE A 634 -0.85 16.74 -1.86
N LEU A 635 -0.24 17.16 -2.96
CA LEU A 635 -0.59 18.43 -3.59
C LEU A 635 -2.03 18.40 -4.09
N VAL A 636 -2.47 17.29 -4.66
CA VAL A 636 -3.84 17.17 -5.14
C VAL A 636 -4.82 17.30 -3.98
N LYS A 637 -4.52 16.63 -2.86
CA LYS A 637 -5.40 16.75 -1.69
C LYS A 637 -5.45 18.17 -1.16
N ASN A 638 -4.29 18.82 -1.05
CA ASN A 638 -4.25 20.18 -0.53
C ASN A 638 -4.96 21.16 -1.46
N LEU A 639 -4.78 21.01 -2.77
CA LEU A 639 -5.46 21.87 -3.73
C LEU A 639 -6.97 21.60 -3.74
N ARG A 640 -7.37 20.34 -3.56
CA ARG A 640 -8.79 20.04 -3.43
C ARG A 640 -9.39 20.78 -2.24
N ASN A 641 -8.68 20.75 -1.11
CA ASN A 641 -9.16 21.47 0.07
C ASN A 641 -9.22 22.97 -0.18
N LEU A 642 -8.19 23.53 -0.81
CA LEU A 642 -8.16 24.97 -1.08
C LEU A 642 -9.29 25.39 -2.01
N LEU A 643 -9.53 24.61 -3.06
CA LEU A 643 -10.59 24.95 -4.01
C LEU A 643 -11.97 24.78 -3.38
N LYS A 644 -12.14 23.74 -2.55
CA LYS A 644 -13.41 23.57 -1.86
C LYS A 644 -13.66 24.69 -0.86
N SER A 645 -12.61 25.24 -0.27
CA SER A 645 -12.77 26.37 0.63
C SER A 645 -13.07 27.66 -0.12
N TRP A 646 -12.38 27.90 -1.23
CA TRP A 646 -12.62 29.12 -2.01
C TRP A 646 -13.99 29.12 -2.65
N ASN A 647 -14.44 27.97 -3.14
CA ASN A 647 -15.77 27.88 -3.75
C ASN A 647 -16.86 28.26 -2.76
N ARG A 648 -16.61 28.04 -1.47
CA ARG A 648 -17.57 28.37 -0.43
C ARG A 648 -17.19 29.65 0.32
N TYR A 649 -16.41 30.52 -0.31
CA TYR A 649 -16.11 31.84 0.26
C TYR A 649 -17.38 32.67 0.38
N HIS A 650 -18.36 32.42 -0.47
CA HIS A 650 -19.58 33.23 -0.49
C HIS A 650 -20.37 33.10 0.81
N TRP A 651 -20.45 31.89 1.36
CA TRP A 651 -21.39 31.65 2.45
C TRP A 651 -21.08 32.50 3.67
N THR A 652 -22.14 32.88 4.39
CA THR A 652 -22.04 33.66 5.62
C THR A 652 -22.78 32.92 6.73
N THR A 653 -23.01 33.60 7.84
CA THR A 653 -23.57 32.96 9.04
C THR A 653 -24.90 32.28 8.72
N GLY A 654 -24.91 30.95 8.82
CA GLY A 654 -26.14 30.17 8.74
C GLY A 654 -26.40 29.48 7.42
N ASP A 655 -25.53 29.63 6.42
CA ASP A 655 -25.77 28.99 5.13
C ASP A 655 -25.59 27.48 5.23
N ARG A 656 -24.50 27.03 5.84
CA ARG A 656 -24.24 25.60 6.11
C ARG A 656 -24.21 24.85 4.78
N GLU A 657 -24.72 23.61 4.78
CA GLU A 657 -24.75 22.79 3.56
C GLU A 657 -26.21 22.53 3.16
N ARG A 658 -26.50 22.36 1.87
CA ARG A 658 -27.89 22.15 1.40
C ARG A 658 -28.00 20.76 0.76
N ARG A 659 -29.17 20.13 0.86
CA ARG A 659 -29.33 18.78 0.33
C ARG A 659 -28.83 18.71 -1.10
N GLY A 660 -29.05 19.75 -1.89
CA GLY A 660 -28.57 19.79 -3.26
C GLY A 660 -27.25 20.53 -3.40
N GLY A 661 -27.28 21.70 -4.02
CA GLY A 661 -26.08 22.48 -4.20
C GLY A 661 -25.25 22.02 -5.39
N ASN A 662 -24.02 21.60 -5.12
CA ASN A 662 -23.14 21.09 -6.17
C ASN A 662 -23.06 19.58 -6.05
N PRO A 663 -23.65 18.82 -6.98
CA PRO A 663 -23.62 17.35 -6.88
C PRO A 663 -22.36 16.71 -7.42
N ASP A 664 -21.53 17.46 -8.15
CA ASP A 664 -20.31 16.92 -8.75
C ASP A 664 -19.16 17.91 -8.57
N GLU A 665 -19.04 18.47 -7.37
CA GLU A 665 -17.99 19.45 -7.12
C GLU A 665 -16.63 18.77 -7.07
N LEU A 666 -15.69 19.28 -7.87
CA LEU A 666 -14.32 18.76 -7.91
C LEU A 666 -14.29 17.27 -8.25
N LYS A 667 -15.21 16.85 -9.14
CA LYS A 667 -15.24 15.44 -9.53
C LYS A 667 -13.97 15.05 -10.28
N SER A 668 -13.47 15.93 -11.14
CA SER A 668 -12.26 15.64 -11.89
C SER A 668 -11.06 15.49 -10.96
N TYR A 669 -11.00 16.33 -9.93
CA TYR A 669 -9.90 16.24 -8.98
C TYR A 669 -9.93 14.92 -8.24
N VAL A 670 -11.11 14.53 -7.76
CA VAL A 670 -11.24 13.27 -7.03
C VAL A 670 -10.88 12.09 -7.93
N ARG A 671 -11.37 12.12 -9.18
CA ARG A 671 -11.04 11.06 -10.13
C ARG A 671 -9.54 10.96 -10.34
N TYR A 672 -8.88 12.10 -10.55
CA TYR A 672 -7.43 12.10 -10.74
C TYR A 672 -6.71 11.59 -9.51
N TYR A 673 -7.16 12.00 -8.33
CA TYR A 673 -6.52 11.57 -7.09
C TYR A 673 -6.59 10.06 -6.94
N ASN A 674 -7.78 9.49 -7.14
CA ASN A 674 -7.95 8.04 -6.98
C ASN A 674 -7.17 7.28 -8.06
N ASN A 675 -7.22 7.75 -9.31
CA ASN A 675 -6.49 7.07 -10.37
C ASN A 675 -4.99 7.10 -10.14
N LEU A 676 -4.46 8.25 -9.71
CA LEU A 676 -3.04 8.36 -9.43
C LEU A 676 -2.65 7.49 -8.23
N ARG A 677 -3.50 7.43 -7.21
CA ARG A 677 -3.23 6.58 -6.06
C ARG A 677 -3.14 5.12 -6.48
N MET A 678 -4.10 4.65 -7.28
CA MET A 678 -4.09 3.27 -7.73
C MET A 678 -2.88 2.98 -8.60
N ASP A 679 -2.54 3.90 -9.51
CA ASP A 679 -1.38 3.68 -10.37
C ASP A 679 -0.09 3.67 -9.58
N THR A 680 0.03 4.55 -8.58
CA THR A 680 1.23 4.55 -7.74
C THR A 680 1.35 3.23 -6.98
N LEU A 681 0.23 2.73 -6.44
CA LEU A 681 0.27 1.46 -5.73
C LEU A 681 0.72 0.33 -6.65
N LYS A 682 0.15 0.28 -7.86
CA LYS A 682 0.51 -0.78 -8.80
C LYS A 682 1.97 -0.70 -9.20
N LYS A 683 2.47 0.51 -9.48
CA LYS A 683 3.86 0.65 -9.89
C LYS A 683 4.82 0.33 -8.75
N LEU A 684 4.47 0.70 -7.52
CA LEU A 684 5.31 0.35 -6.37
C LEU A 684 5.36 -1.16 -6.17
N THR A 685 4.20 -1.83 -6.28
CA THR A 685 4.19 -3.28 -6.15
C THR A 685 5.01 -3.94 -7.25
N CYS A 686 4.88 -3.44 -8.48
CA CYS A 686 5.69 -3.98 -9.58
C CYS A 686 7.17 -3.77 -9.34
N ALA A 687 7.56 -2.60 -8.83
CA ALA A 687 8.97 -2.35 -8.55
C ALA A 687 9.50 -3.29 -7.47
N ILE A 688 8.74 -3.49 -6.40
CA ILE A 688 9.17 -4.39 -5.34
C ILE A 688 9.33 -5.81 -5.87
N VAL A 689 8.34 -6.28 -6.65
CA VAL A 689 8.38 -7.63 -7.17
C VAL A 689 9.54 -7.80 -8.14
N ARG A 690 9.75 -6.79 -8.98
CA ARG A 690 10.86 -6.84 -9.93
C ARG A 690 12.17 -6.97 -9.17
N THR A 691 12.38 -6.09 -8.20
CA THR A 691 13.63 -6.11 -7.44
C THR A 691 13.83 -7.45 -6.75
N ALA A 692 12.76 -8.03 -6.20
CA ALA A 692 12.88 -9.34 -5.56
C ALA A 692 13.24 -10.43 -6.58
N LYS A 693 12.61 -10.41 -7.76
CA LYS A 693 12.86 -11.43 -8.76
C LYS A 693 14.26 -11.30 -9.34
N GLU A 694 14.70 -10.07 -9.61
CA GLU A 694 16.01 -9.86 -10.21
C GLU A 694 17.11 -10.47 -9.35
N HIS A 695 17.10 -10.13 -8.06
CA HIS A 695 18.13 -10.58 -7.13
C HIS A 695 18.01 -12.05 -6.76
N GLY A 696 17.05 -12.77 -7.33
CA GLY A 696 16.91 -14.18 -7.03
C GLY A 696 16.32 -14.49 -5.68
N ALA A 697 15.76 -13.49 -5.00
CA ALA A 697 15.21 -13.69 -3.67
C ALA A 697 13.99 -14.60 -3.71
N THR A 698 13.87 -15.45 -2.70
CA THR A 698 12.68 -16.25 -2.49
C THR A 698 12.01 -16.00 -1.16
N LEU A 699 12.69 -15.33 -0.23
CA LEU A 699 12.10 -14.89 1.02
C LEU A 699 12.22 -13.38 1.11
N VAL A 700 11.16 -12.71 1.52
CA VAL A 700 11.15 -11.25 1.61
C VAL A 700 10.67 -10.86 3.00
N ALA A 701 11.56 -10.25 3.78
CA ALA A 701 11.20 -9.69 5.08
C ALA A 701 10.86 -8.22 4.88
N MET A 702 9.58 -7.90 4.96
CA MET A 702 9.11 -6.53 4.89
C MET A 702 8.89 -5.98 6.29
N GLU A 703 8.72 -4.67 6.37
CA GLU A 703 8.47 -4.02 7.65
C GLU A 703 6.98 -3.81 7.83
N ASN A 704 6.48 -4.14 9.02
CA ASN A 704 5.05 -4.13 9.32
C ASN A 704 4.61 -2.69 9.60
N ILE A 705 4.34 -1.96 8.51
CA ILE A 705 3.99 -0.55 8.62
C ILE A 705 2.67 -0.32 9.35
N GLN A 706 1.95 -1.40 9.71
CA GLN A 706 0.76 -1.24 10.53
C GLN A 706 1.11 -0.71 11.91
N ARG A 707 2.21 -1.17 12.48
CA ARG A 707 2.65 -0.72 13.79
C ARG A 707 3.31 0.66 13.71
N GLU A 719 0.44 14.34 5.66
CA GLU A 719 1.76 14.24 6.25
C GLU A 719 2.78 13.75 5.23
N ASN A 720 3.84 13.12 5.72
CA ASN A 720 4.96 12.66 4.89
C ASN A 720 5.22 11.18 5.13
N SER A 721 4.16 10.38 5.13
CA SER A 721 4.27 8.95 5.37
C SER A 721 3.38 8.19 4.40
N LEU A 722 3.63 6.88 4.29
CA LEU A 722 2.80 6.04 3.45
C LEU A 722 1.37 5.99 3.96
N LEU A 723 1.21 5.96 5.29
CA LEU A 723 -0.11 6.15 5.88
C LEU A 723 -0.60 7.56 5.59
N SER A 724 -1.90 7.78 5.80
CA SER A 724 -2.66 8.96 5.40
C SER A 724 -2.85 9.02 3.90
N LEU A 725 -2.28 8.10 3.14
CA LEU A 725 -2.53 7.93 1.72
C LEU A 725 -3.22 6.61 1.41
N TRP A 726 -2.84 5.54 2.09
CA TRP A 726 -3.47 4.24 1.96
C TRP A 726 -3.80 3.70 3.34
N ALA A 727 -4.57 2.63 3.36
CA ALA A 727 -4.70 1.86 4.59
C ALA A 727 -3.35 1.19 4.89
N PRO A 728 -2.99 1.06 6.17
CA PRO A 728 -1.69 0.45 6.48
C PRO A 728 -1.54 -0.97 5.97
N GLY A 729 -2.64 -1.73 5.93
CA GLY A 729 -2.56 -3.12 5.51
C GLY A 729 -2.78 -3.35 4.03
N MET A 730 -3.35 -2.37 3.32
CA MET A 730 -3.65 -2.56 1.90
C MET A 730 -2.38 -2.71 1.08
N VAL A 731 -1.40 -1.84 1.32
CA VAL A 731 -0.13 -1.91 0.61
C VAL A 731 0.54 -3.25 0.84
N LEU A 732 0.59 -3.67 2.11
CA LEU A 732 1.22 -4.94 2.44
C LEU A 732 0.49 -6.11 1.78
N GLU A 733 -0.85 -6.09 1.81
CA GLU A 733 -1.60 -7.18 1.20
C GLU A 733 -1.32 -7.27 -0.29
N ARG A 734 -1.32 -6.13 -0.99
CA ARG A 734 -1.04 -6.13 -2.41
C ARG A 734 0.36 -6.67 -2.70
N VAL A 735 1.35 -6.22 -1.93
CA VAL A 735 2.73 -6.61 -2.19
C VAL A 735 2.91 -8.11 -1.96
N GLU A 736 2.40 -8.64 -0.85
CA GLU A 736 2.57 -10.07 -0.58
C GLU A 736 1.76 -10.91 -1.55
N GLN A 737 0.57 -10.46 -1.96
CA GLN A 737 -0.18 -11.24 -2.94
C GLN A 737 0.57 -11.33 -4.26
N GLU A 738 1.12 -10.21 -4.73
CA GLU A 738 1.89 -10.25 -5.98
C GLU A 738 3.14 -11.10 -5.84
N LEU A 739 3.84 -10.99 -4.69
CA LEU A 739 5.03 -11.80 -4.47
C LEU A 739 4.69 -13.29 -4.47
N LYS A 740 3.57 -13.66 -3.83
CA LYS A 740 3.14 -15.05 -3.84
C LYS A 740 2.81 -15.51 -5.26
N ASN A 741 2.14 -14.65 -6.03
CA ASN A 741 1.87 -14.98 -7.43
C ASN A 741 3.16 -15.20 -8.22
N GLU A 742 4.23 -14.51 -7.84
CA GLU A 742 5.53 -14.73 -8.46
C GLU A 742 6.34 -15.82 -7.77
N GLY A 743 5.78 -16.47 -6.75
CA GLY A 743 6.49 -17.55 -6.09
C GLY A 743 7.48 -17.11 -5.04
N ILE A 744 7.21 -16.02 -4.34
CA ILE A 744 8.09 -15.49 -3.30
C ILE A 744 7.29 -15.32 -2.03
N LEU A 745 7.75 -15.93 -0.94
CA LEU A 745 7.06 -15.82 0.34
C LEU A 745 7.57 -14.60 1.11
N ALA A 746 6.63 -13.89 1.74
CA ALA A 746 6.95 -12.65 2.44
C ALA A 746 6.44 -12.72 3.87
N TRP A 747 7.21 -12.12 4.79
CA TRP A 747 6.87 -12.06 6.19
C TRP A 747 7.04 -10.63 6.70
N GLU A 748 6.12 -10.21 7.56
CA GLU A 748 6.16 -8.87 8.15
C GLU A 748 6.90 -8.93 9.47
N VAL A 749 7.96 -8.15 9.59
CA VAL A 749 8.79 -8.10 10.80
C VAL A 749 8.39 -6.89 11.62
N ASP A 750 8.56 -6.99 12.93
CA ASP A 750 8.22 -5.88 13.82
C ASP A 750 9.17 -4.72 13.58
N PRO A 751 8.68 -3.55 13.16
CA PRO A 751 9.54 -2.42 12.79
C PRO A 751 9.80 -1.44 13.94
N ARG A 752 10.26 -1.97 15.07
CA ARG A 752 10.53 -1.15 16.24
C ARG A 752 12.02 -0.91 16.38
N HIS A 753 12.41 0.36 16.45
CA HIS A 753 13.80 0.79 16.63
C HIS A 753 14.69 0.35 15.47
N THR A 754 14.12 0.09 14.30
CA THR A 754 14.93 -0.29 13.15
C THR A 754 15.66 0.90 12.55
N SER A 755 15.03 2.08 12.55
CA SER A 755 15.63 3.27 12.00
C SER A 755 16.48 4.03 13.02
N GLN A 756 16.53 3.56 14.27
CA GLN A 756 17.31 4.21 15.31
C GLN A 756 18.46 3.36 15.82
N THR A 757 18.55 2.09 15.44
CA THR A 757 19.59 1.18 15.91
C THR A 757 20.53 0.85 14.77
N SER A 758 21.83 0.85 15.07
CA SER A 758 22.83 0.52 14.07
C SER A 758 22.76 -0.95 13.70
N CYS A 759 23.03 -1.26 12.44
CA CYS A 759 23.00 -2.62 11.94
C CYS A 759 24.33 -3.34 12.09
N ILE A 760 25.34 -2.69 12.67
CA ILE A 760 26.66 -3.27 12.86
C ILE A 760 26.94 -3.52 14.33
N THR A 761 26.86 -2.49 15.16
CA THR A 761 27.06 -2.64 16.59
C THR A 761 25.83 -3.15 17.33
N ASP A 762 24.68 -3.12 16.68
CA ASP A 762 23.39 -3.48 17.30
C ASP A 762 23.23 -2.64 18.57
N GLU A 763 23.25 -1.33 18.37
CA GLU A 763 23.15 -0.35 19.46
C GLU A 763 22.52 0.92 18.91
N PHE A 764 22.01 1.74 19.81
CA PHE A 764 21.34 2.97 19.41
C PHE A 764 22.34 3.96 18.82
N GLY A 765 21.90 4.65 17.77
CA GLY A 765 22.69 5.70 17.15
C GLY A 765 21.89 6.98 17.01
N TYR A 766 22.33 7.88 16.14
CA TYR A 766 21.64 9.14 15.90
C TYR A 766 21.08 9.14 14.48
N ARG A 767 19.78 9.37 14.37
CA ARG A 767 19.13 9.57 13.07
C ARG A 767 18.97 11.06 12.86
N SER A 768 19.75 11.63 11.94
CA SER A 768 19.79 13.07 11.75
C SER A 768 18.42 13.61 11.33
N LEU A 769 18.01 14.70 11.96
CA LEU A 769 16.72 15.32 11.66
C LEU A 769 16.82 16.39 10.57
N VAL A 770 17.97 17.06 10.48
CA VAL A 770 18.18 18.03 9.41
C VAL A 770 18.19 17.34 8.06
N ALA A 771 18.86 16.19 7.98
CA ALA A 771 18.85 15.34 6.80
C ALA A 771 18.47 13.94 7.24
N LYS A 772 17.31 13.46 6.80
CA LYS A 772 16.79 12.19 7.29
C LYS A 772 17.30 11.01 6.48
N ASP A 773 18.41 11.19 5.77
CA ASP A 773 19.03 10.12 5.02
C ASP A 773 20.37 9.68 5.59
N THR A 774 20.83 10.29 6.68
CA THR A 774 22.09 9.94 7.31
C THR A 774 21.82 9.48 8.73
N PHE A 775 22.33 8.30 9.07
CA PHE A 775 22.22 7.73 10.40
C PHE A 775 23.61 7.63 11.00
N TYR A 776 23.79 8.24 12.17
CA TYR A 776 25.10 8.34 12.81
C TYR A 776 25.17 7.34 13.95
N PHE A 777 26.21 6.52 13.95
CA PHE A 777 26.49 5.61 15.05
C PHE A 777 27.97 5.68 15.40
N GLU A 778 28.37 4.90 16.41
CA GLU A 778 29.76 4.86 16.85
C GLU A 778 30.30 3.45 16.68
N GLN A 779 31.58 3.36 16.30
CA GLN A 779 32.24 2.08 16.10
C GLN A 779 33.71 2.27 16.42
N ASP A 780 34.21 1.51 17.40
CA ASP A 780 35.57 1.69 17.92
C ASP A 780 35.80 3.12 18.39
N ARG A 781 34.75 3.71 18.98
CA ARG A 781 34.76 5.08 19.50
C ARG A 781 35.09 6.10 18.40
N LYS A 782 34.70 5.80 17.17
CA LYS A 782 34.81 6.74 16.06
C LYS A 782 33.46 6.82 15.36
N ILE A 783 32.97 8.04 15.18
CA ILE A 783 31.61 8.22 14.68
C ILE A 783 31.57 7.94 13.18
N HIS A 784 30.72 7.01 12.78
CA HIS A 784 30.47 6.70 11.39
C HIS A 784 29.03 7.05 11.02
N ARG A 785 28.78 7.15 9.72
CA ARG A 785 27.43 7.41 9.22
C ARG A 785 27.11 6.42 8.11
N ILE A 786 25.81 6.18 7.94
CA ILE A 786 25.33 5.25 6.92
C ILE A 786 24.03 5.82 6.37
N ASP A 787 23.59 5.29 5.23
CA ASP A 787 22.25 5.59 4.74
C ASP A 787 21.21 5.12 5.75
N ALA A 788 20.24 5.97 6.04
CA ALA A 788 19.27 5.68 7.10
C ALA A 788 18.15 4.76 6.66
N ASP A 789 18.08 4.42 5.37
CA ASP A 789 17.06 3.53 4.84
C ASP A 789 17.60 2.14 4.55
N VAL A 790 18.79 2.03 3.97
CA VAL A 790 19.43 0.72 3.89
C VAL A 790 19.75 0.21 5.29
N ASN A 791 19.98 1.11 6.24
CA ASN A 791 20.18 0.72 7.63
C ASN A 791 18.94 0.00 8.16
N ALA A 792 17.76 0.58 7.93
CA ALA A 792 16.53 -0.04 8.39
C ALA A 792 16.22 -1.31 7.61
N ALA A 793 16.56 -1.36 6.32
CA ALA A 793 16.37 -2.59 5.56
C ALA A 793 17.22 -3.73 6.12
N ILE A 794 18.49 -3.43 6.41
CA ILE A 794 19.38 -4.44 6.99
C ILE A 794 18.91 -4.82 8.39
N ASN A 795 18.37 -3.86 9.15
CA ASN A 795 17.85 -4.20 10.46
C ASN A 795 16.63 -5.12 10.37
N ILE A 796 15.75 -4.88 9.38
CA ILE A 796 14.61 -5.76 9.17
C ILE A 796 15.08 -7.16 8.83
N ALA A 797 16.04 -7.27 7.90
CA ALA A 797 16.56 -8.57 7.53
C ALA A 797 17.25 -9.27 8.70
N ARG A 798 17.99 -8.50 9.50
CA ARG A 798 18.68 -9.05 10.67
C ARG A 798 17.68 -9.56 11.71
N ARG A 799 16.60 -8.81 11.94
CA ARG A 799 15.57 -9.26 12.87
C ARG A 799 14.91 -10.53 12.36
N PHE A 800 14.70 -10.63 11.04
CA PHE A 800 14.10 -11.83 10.49
C PHE A 800 15.02 -13.03 10.63
N LEU A 801 16.29 -12.87 10.29
CA LEU A 801 17.21 -14.01 10.25
C LEU A 801 17.66 -14.44 11.64
N THR A 802 17.80 -13.52 12.58
CA THR A 802 18.19 -13.85 13.94
C THR A 802 16.99 -14.25 14.80
N ARG A 803 15.79 -14.29 14.22
CA ARG A 803 14.58 -14.67 14.93
C ARG A 803 14.36 -13.79 16.16
N TYR A 804 14.65 -12.50 16.02
CA TYR A 804 14.50 -11.52 17.10
C TYR A 804 15.33 -11.92 18.32
N ARG A 805 16.61 -12.19 18.07
CA ARG A 805 17.51 -12.61 19.15
C ARG A 805 17.67 -11.52 20.19
N SER A 806 17.83 -10.27 19.76
CA SER A 806 18.07 -9.15 20.66
C SER A 806 16.91 -8.17 20.60
N LEU A 807 16.46 -7.72 21.78
CA LEU A 807 15.44 -6.70 21.90
C LEU A 807 16.07 -5.41 22.41
N THR A 808 15.70 -4.29 21.78
CA THR A 808 16.23 -2.99 22.14
C THR A 808 15.36 -2.24 23.15
N GLN A 809 14.22 -2.80 23.54
CA GLN A 809 13.34 -2.13 24.49
C GLN A 809 12.56 -3.17 25.29
N LEU A 810 12.42 -2.91 26.58
CA LEU A 810 11.69 -3.79 27.50
C LEU A 810 10.70 -2.95 28.29
N TRP A 811 9.45 -3.40 28.35
CA TRP A 811 8.42 -2.74 29.14
C TRP A 811 8.40 -3.31 30.55
N ALA A 812 8.54 -2.44 31.55
CA ALA A 812 8.65 -2.87 32.94
C ALA A 812 7.90 -1.88 33.84
N SER A 813 7.61 -2.33 35.05
CA SER A 813 6.93 -1.52 36.05
C SER A 813 7.65 -1.68 37.39
N LEU A 814 7.63 -0.61 38.19
CA LEU A 814 8.31 -0.59 39.46
C LEU A 814 7.42 -1.21 40.54
N LEU A 815 7.86 -2.34 41.09
CA LEU A 815 7.11 -2.95 42.18
C LEU A 815 7.46 -2.31 43.53
N ASP A 816 8.72 -2.44 43.95
CA ASP A 816 9.23 -1.85 45.18
C ASP A 816 10.72 -2.15 45.27
N ASP A 817 11.41 -1.39 46.13
CA ASP A 817 12.84 -1.55 46.39
C ASP A 817 13.58 -1.42 45.05
N GLY A 818 13.16 -0.43 44.26
CA GLY A 818 13.82 -0.12 43.01
C GLY A 818 13.85 -1.25 42.00
N ARG A 819 13.00 -2.25 42.19
CA ARG A 819 12.98 -3.43 41.33
C ARG A 819 11.89 -3.25 40.28
N TYR A 820 12.30 -3.16 39.02
CA TYR A 820 11.38 -3.00 37.90
C TYR A 820 11.04 -4.39 37.37
N LEU A 821 9.82 -4.85 37.66
CA LEU A 821 9.39 -6.15 37.15
C LEU A 821 9.12 -6.07 35.66
N VAL A 822 9.67 -7.03 34.91
CA VAL A 822 9.53 -7.03 33.46
C VAL A 822 8.15 -7.54 33.09
N ASN A 823 7.44 -6.79 32.25
CA ASN A 823 6.11 -7.19 31.78
C ASN A 823 6.28 -8.02 30.51
N VAL A 824 5.85 -9.27 30.56
CA VAL A 824 5.98 -10.19 29.44
C VAL A 824 4.60 -10.38 28.82
N THR A 825 4.44 -9.89 27.59
CA THR A 825 3.23 -10.12 26.81
C THR A 825 3.51 -10.85 25.52
N ARG A 826 4.51 -10.40 24.75
CA ARG A 826 4.88 -11.06 23.51
C ARG A 826 5.71 -12.31 23.80
N GLN A 827 5.63 -13.28 22.88
CA GLN A 827 6.44 -14.48 22.99
C GLN A 827 7.91 -14.20 22.73
N HIS A 828 8.22 -13.17 21.94
CA HIS A 828 9.62 -12.84 21.67
C HIS A 828 10.33 -12.39 22.95
N GLU A 829 9.64 -11.64 23.80
CA GLU A 829 10.23 -11.26 25.08
C GLU A 829 10.46 -12.47 25.96
N ARG A 830 9.53 -13.43 25.96
CA ARG A 830 9.70 -14.64 26.74
C ARG A 830 10.93 -15.42 26.30
N ALA A 831 11.13 -15.53 24.98
CA ALA A 831 12.31 -16.23 24.47
C ALA A 831 13.58 -15.47 24.82
N TYR A 832 13.53 -14.14 24.75
CA TYR A 832 14.72 -13.34 25.05
C TYR A 832 15.14 -13.48 26.51
N LEU A 833 14.17 -13.48 27.43
CA LEU A 833 14.49 -13.59 28.85
C LEU A 833 15.13 -14.94 29.17
N GLU A 834 14.68 -16.00 28.50
CA GLU A 834 15.24 -17.32 28.73
C GLU A 834 16.71 -17.38 28.32
N LEU A 835 17.06 -16.74 27.21
CA LEU A 835 18.42 -16.85 26.69
C LEU A 835 19.41 -16.04 27.51
N GLN A 836 19.00 -14.92 28.09
CA GLN A 836 19.90 -14.07 28.85
C GLN A 836 19.89 -14.41 30.33
N THR A 837 18.72 -14.33 30.96
CA THR A 837 18.62 -14.60 32.39
C THR A 837 18.63 -16.11 32.66
N GLY A 838 17.65 -16.82 32.11
CA GLY A 838 17.52 -18.25 32.35
C GLY A 838 16.12 -18.62 32.81
N ALA A 839 15.28 -17.62 33.00
CA ALA A 839 13.91 -17.77 33.45
C ALA A 839 13.00 -16.93 32.57
N PRO A 840 11.72 -17.30 32.48
CA PRO A 840 10.80 -16.51 31.64
C PRO A 840 10.37 -15.20 32.28
N ALA A 841 11.03 -14.79 33.36
CA ALA A 841 10.76 -13.51 33.99
C ALA A 841 12.05 -12.98 34.58
N ALA A 842 12.08 -11.65 34.75
CA ALA A 842 13.26 -11.00 35.31
C ALA A 842 12.87 -9.62 35.81
N THR A 843 13.78 -9.00 36.57
CA THR A 843 13.58 -7.65 37.09
C THR A 843 14.80 -6.79 36.80
N LEU A 844 14.58 -5.49 36.74
CA LEU A 844 15.65 -4.51 36.58
C LEU A 844 16.06 -4.00 37.96
N ASN A 845 17.27 -4.38 38.40
CA ASN A 845 17.77 -3.93 39.68
C ASN A 845 18.78 -2.81 39.48
N PRO A 846 18.68 -1.73 40.25
CA PRO A 846 19.51 -0.55 39.99
C PRO A 846 20.99 -0.80 40.28
N THR A 847 21.83 -0.01 39.62
CA THR A 847 23.26 -0.02 39.86
C THR A 847 23.74 1.38 40.19
N ALA A 848 25.07 1.57 40.27
CA ALA A 848 25.61 2.86 40.69
C ALA A 848 25.40 3.92 39.61
N GLU A 849 25.63 3.58 38.34
CA GLU A 849 25.60 4.58 37.27
C GLU A 849 24.23 4.70 36.62
N ALA A 850 23.19 4.85 37.45
CA ALA A 850 21.83 5.15 37.00
C ALA A 850 21.34 4.14 35.96
N SER A 851 21.87 2.93 35.99
CA SER A 851 21.52 1.89 35.03
C SER A 851 20.86 0.72 35.75
N TYR A 852 20.52 -0.31 34.98
CA TYR A 852 19.83 -1.47 35.53
C TYR A 852 20.47 -2.76 35.02
N GLU A 853 19.87 -3.90 35.31
CA GLU A 853 20.41 -5.17 34.85
C GLU A 853 19.30 -6.22 34.88
N LEU A 854 19.52 -7.29 34.12
CA LEU A 854 18.60 -8.42 34.09
C LEU A 854 19.13 -9.54 34.98
N VAL A 855 18.27 -10.03 35.88
CA VAL A 855 18.65 -11.07 36.84
C VAL A 855 17.88 -12.37 36.59
N GLY A 856 16.56 -12.32 36.65
CA GLY A 856 15.76 -13.51 36.46
C GLY A 856 15.06 -13.92 37.74
N LEU A 857 13.86 -14.47 37.60
CA LEU A 857 13.02 -14.85 38.73
C LEU A 857 12.70 -16.33 38.67
N SER A 858 13.04 -17.05 39.73
CA SER A 858 12.62 -18.43 39.86
C SER A 858 11.11 -18.48 40.13
N PRO A 859 10.44 -19.59 39.76
CA PRO A 859 9.00 -19.67 39.99
C PRO A 859 8.65 -19.85 41.46
N ARG A 874 4.37 0.27 33.90
CA ARG A 874 4.64 0.32 32.47
C ARG A 874 5.55 1.48 32.11
N GLU A 875 6.86 1.25 32.19
CA GLU A 875 7.85 2.27 31.85
C GLU A 875 8.88 1.65 30.90
N PRO A 876 9.13 2.27 29.75
CA PRO A 876 10.09 1.69 28.80
C PRO A 876 11.51 1.72 29.32
N PHE A 877 12.30 0.74 28.89
CA PHE A 877 13.72 0.68 29.19
C PHE A 877 14.48 0.28 27.92
N TYR A 878 15.53 1.03 27.61
CA TYR A 878 16.29 0.85 26.38
C TYR A 878 17.64 0.21 26.68
N ARG A 879 18.01 -0.78 25.87
CA ARG A 879 19.12 -1.67 26.23
C ARG A 879 20.43 -0.93 26.34
N HIS A 880 20.81 -0.19 25.31
CA HIS A 880 22.12 0.48 25.22
C HIS A 880 23.20 -0.60 25.38
N GLU A 881 24.27 -0.33 26.11
CA GLU A 881 25.40 -1.26 26.18
C GLU A 881 25.19 -2.31 27.27
N GLY A 882 24.07 -3.02 27.16
CA GLY A 882 23.79 -4.11 28.07
C GLY A 882 23.47 -3.69 29.50
N VAL A 883 23.03 -2.46 29.70
CA VAL A 883 22.74 -1.94 31.03
C VAL A 883 21.29 -1.47 31.18
N TRP A 884 20.52 -1.44 30.10
CA TRP A 884 19.09 -1.15 30.13
C TRP A 884 18.82 0.23 30.76
N LEU A 885 19.29 1.26 30.08
CA LEU A 885 19.03 2.63 30.50
C LEU A 885 17.53 2.92 30.45
N THR A 886 17.08 3.75 31.39
CA THR A 886 15.68 4.14 31.43
C THR A 886 15.37 5.13 30.31
N ARG A 887 14.12 5.60 30.29
CA ARG A 887 13.68 6.46 29.19
C ARG A 887 14.44 7.78 29.17
N GLU A 888 14.53 8.45 30.33
CA GLU A 888 15.21 9.74 30.39
C GLU A 888 16.69 9.60 30.10
N LYS A 889 17.33 8.57 30.64
CA LYS A 889 18.76 8.37 30.40
C LYS A 889 19.05 7.99 28.95
N HIS A 890 18.15 7.22 28.33
CA HIS A 890 18.32 6.90 26.91
C HIS A 890 18.24 8.16 26.05
N ARG A 891 17.26 9.02 26.33
CA ARG A 891 17.17 10.28 25.58
C ARG A 891 18.37 11.16 25.84
N GLU A 892 18.88 11.17 27.08
CA GLU A 892 20.09 11.93 27.39
C GLU A 892 21.28 11.41 26.60
N GLN A 893 21.41 10.09 26.50
CA GLN A 893 22.51 9.51 25.72
C GLN A 893 22.39 9.85 24.25
N VAL A 894 21.17 9.80 23.71
CA VAL A 894 20.97 10.15 22.30
C VAL A 894 21.30 11.62 22.06
N HIS A 895 20.91 12.49 23.00
CA HIS A 895 21.22 13.91 22.86
C HIS A 895 22.73 14.16 22.96
N GLU A 896 23.41 13.42 23.83
CA GLU A 896 24.87 13.52 23.90
C GLU A 896 25.51 13.09 22.59
N LEU A 897 25.00 12.00 22.00
CA LEU A 897 25.50 11.56 20.70
C LEU A 897 25.27 12.62 19.63
N ARG A 898 24.09 13.24 19.63
CA ARG A 898 23.80 14.28 18.66
C ARG A 898 24.73 15.47 18.84
N ASN A 899 24.97 15.88 20.08
CA ASN A 899 25.88 16.99 20.33
C ASN A 899 27.29 16.65 19.89
N GLN A 900 27.73 15.42 20.14
CA GLN A 900 29.07 15.02 19.73
C GLN A 900 29.19 14.98 18.20
N VAL A 901 28.14 14.54 17.52
CA VAL A 901 28.21 14.41 16.06
C VAL A 901 28.07 15.76 15.38
N LEU A 902 27.37 16.72 16.00
CA LEU A 902 27.24 18.04 15.41
C LEU A 902 28.56 18.80 15.47
N ALA A 903 29.32 18.62 16.55
CA ALA A 903 30.61 19.30 16.67
C ALA A 903 31.65 18.69 15.74
N LEU A 904 31.61 17.36 15.57
CA LEU A 904 32.61 16.70 14.75
C LEU A 904 32.51 17.13 13.29
N GLY A 905 31.30 17.24 12.75
CA GLY A 905 31.12 17.55 11.35
C GLY A 905 31.18 16.31 10.48
N ASN A 906 30.23 16.18 9.56
CA ASN A 906 30.13 14.97 8.75
C ASN A 906 31.35 14.75 7.87
N ALA A 907 32.14 15.80 7.61
CA ALA A 907 33.32 15.65 6.76
C ALA A 907 34.33 14.68 7.38
N LYS A 908 34.53 14.77 8.68
CA LYS A 908 35.46 13.89 9.39
C LYS A 908 34.83 12.58 9.81
N ILE A 909 33.57 12.35 9.47
CA ILE A 909 32.85 11.12 9.83
C ILE A 909 32.83 10.23 8.59
N PRO A 910 33.51 9.08 8.60
CA PRO A 910 33.52 8.21 7.43
C PRO A 910 32.14 7.63 7.14
N GLU A 911 31.89 7.35 5.86
CA GLU A 911 30.64 6.77 5.40
C GLU A 911 30.92 5.35 4.91
N ILE A 912 30.16 4.39 5.43
CA ILE A 912 30.37 2.99 5.06
C ILE A 912 29.67 2.68 3.75
N ARG A 913 29.99 1.53 3.18
CA ARG A 913 29.42 1.11 1.90
C ARG A 913 27.90 1.02 1.98
N THR A 914 27.24 1.38 0.88
CA THR A 914 25.79 1.28 0.78
C THR A 914 25.35 1.20 -0.67
#